data_7FPG
#
_entry.id   7FPG
#
_cell.length_a   87.557
_cell.length_b   82.034
_cell.length_c   93.225
_cell.angle_alpha   90
_cell.angle_beta   107.76
_cell.angle_gamma   90
#
_symmetry.space_group_name_H-M   'C 1 2 1'
#
loop_
_entity.id
_entity.type
_entity.pdbx_description
1 polymer 'Pre-mRNA-splicing factor 8'
2 polymer 'A1 cistron-splicing factor AAR2'
3 non-polymer [4-(difluoromethoxy)phenyl]methanol
4 water water
#
loop_
_entity_poly.entity_id
_entity_poly.type
_entity_poly.pdbx_seq_one_letter_code
_entity_poly.pdbx_strand_id
1 'polypeptide(L)'
;GAMNSSNYAELFNNDIKLFVDDTNVYRVTVHKTFEGNVATKAINGCIFTLNPKTGHLFLKIIHTSVWAGQKRLSQLAKWK
TAEEVSALVRSLPKEEQPKQIIVTRKAMLDPLEVHMLDFPNIAIRPTELRLPFSAAMSIDKLSDVVMKATEPQMVLFNIY
DDWLDRISSYTAFSRLTLLLRALKTNEESAKMILLSDPTITIKSYHLWPSFTDEQWITIESQMRDLILTEYGRKYNVNIS
ALTQTEIKDIILGQNIKA
;
A
2 'polypeptide(L)'
;GAMAMNTVPFTSAPIEVTIGIDQYSFNVKENQPFHGIKDIPIGHVHVIHFQHADNSSMRYGYWFDCRMGNFYIQYDPKDG
LYKMMEERDGAKFENIVHNFKERQMMVSYPKIDEDDTWYNLTEFVQMDKIRKIVRKDENQFSYVDSSMTTVQENELSSSS
SDPAHSLNYTVINFKSREAIRPGHEMEDFLDKSYYLNTVMLQGIFKNSSNYFGELQFAFLNAMFFGNYGSSLQWHAMIEL
ICSSATVPKHMLDKLDEILYYQIKTLPEQYSDILLNERVWNICLYSSFQKNSLHNTEKIMENKYPELL
;
B
#
loop_
_chem_comp.id
_chem_comp.type
_chem_comp.name
_chem_comp.formula
VEL non-polymer [4-(difluoromethoxy)phenyl]methanol 'C8 H8 F2 O2'
#
# COMPACT_ATOMS: atom_id res chain seq x y z
N GLY A 1 0.59 -16.39 2.61
CA GLY A 1 1.92 -15.99 2.18
C GLY A 1 2.26 -16.56 0.83
N ALA A 2 3.55 -16.53 0.46
CA ALA A 2 3.94 -16.94 -0.89
C ALA A 2 4.08 -18.46 -0.97
N MET A 3 3.87 -18.97 -2.17
CA MET A 3 3.82 -20.40 -2.43
C MET A 3 5.18 -20.83 -2.96
N ASN A 4 5.74 -21.91 -2.40
CA ASN A 4 7.11 -22.29 -2.76
C ASN A 4 7.30 -23.79 -2.54
N SER A 5 8.56 -24.24 -2.68
CA SER A 5 8.91 -25.65 -2.47
C SER A 5 8.31 -26.21 -1.19
N SER A 6 8.33 -25.41 -0.10
CA SER A 6 8.06 -25.93 1.23
C SER A 6 6.59 -26.19 1.50
N ASN A 7 5.67 -25.45 0.84
CA ASN A 7 4.24 -25.60 1.04
C ASN A 7 3.55 -26.09 -0.25
N TYR A 8 4.27 -26.94 -0.99
CA TYR A 8 3.83 -27.46 -2.29
C TYR A 8 2.61 -28.39 -2.18
N ALA A 9 2.50 -29.16 -1.09
CA ALA A 9 1.38 -30.10 -1.01
C ALA A 9 0.04 -29.42 -0.73
N GLU A 10 0.07 -28.14 -0.30
CA GLU A 10 -1.17 -27.39 -0.09
C GLU A 10 -2.01 -27.32 -1.39
N LEU A 11 -1.34 -27.35 -2.54
CA LEU A 11 -2.05 -27.34 -3.83
C LEU A 11 -3.07 -28.47 -3.98
N PHE A 12 -2.82 -29.61 -3.33
CA PHE A 12 -3.63 -30.80 -3.54
C PHE A 12 -4.53 -31.13 -2.35
N ASN A 13 -4.65 -30.23 -1.39
CA ASN A 13 -5.62 -30.42 -0.32
C ASN A 13 -7.01 -30.05 -0.83
N ASN A 14 -7.99 -30.04 0.07
CA ASN A 14 -9.38 -29.93 -0.32
C ASN A 14 -9.95 -28.51 -0.22
N ASP A 15 -9.08 -27.50 -0.06
CA ASP A 15 -9.47 -26.10 -0.21
C ASP A 15 -9.37 -25.72 -1.69
N ILE A 16 -10.48 -25.23 -2.26
CA ILE A 16 -10.46 -24.86 -3.67
C ILE A 16 -9.48 -23.73 -3.90
N LYS A 17 -8.58 -23.90 -4.86
CA LYS A 17 -7.70 -22.84 -5.27
C LYS A 17 -7.47 -22.85 -6.77
N LEU A 18 -7.18 -21.65 -7.33
CA LEU A 18 -6.82 -21.49 -8.74
C LEU A 18 -5.47 -20.81 -8.88
N PHE A 19 -4.66 -21.33 -9.79
CA PHE A 19 -3.56 -20.61 -10.39
C PHE A 19 -4.08 -19.71 -11.51
N VAL A 20 -3.56 -18.48 -11.56
CA VAL A 20 -3.82 -17.55 -12.68
C VAL A 20 -2.49 -17.16 -13.30
N ASP A 21 -2.31 -17.51 -14.57
CA ASP A 21 -1.18 -17.05 -15.39
C ASP A 21 -1.67 -16.07 -16.46
N ASP A 22 -1.01 -14.91 -16.54
CA ASP A 22 -1.31 -13.81 -17.47
C ASP A 22 -0.28 -13.64 -18.60
N THR A 23 0.67 -14.56 -18.71
N THR A 23 0.66 -14.58 -18.76
CA THR A 23 1.76 -14.37 -19.66
CA THR A 23 1.78 -14.35 -19.69
C THR A 23 1.21 -14.16 -21.07
C THR A 23 1.37 -14.37 -21.17
N ASN A 24 0.24 -14.99 -21.47
CA ASN A 24 -0.25 -15.09 -22.86
C ASN A 24 -1.49 -14.22 -23.12
N VAL A 25 -1.75 -13.23 -22.26
CA VAL A 25 -2.94 -12.41 -22.39
C VAL A 25 -2.75 -11.38 -23.50
N TYR A 26 -1.62 -10.67 -23.48
CA TYR A 26 -1.29 -9.67 -24.50
C TYR A 26 -0.11 -10.18 -25.30
N ARG A 27 -0.39 -10.61 -26.54
CA ARG A 27 0.57 -11.21 -27.43
C ARG A 27 0.73 -10.34 -28.67
N VAL A 28 1.98 -10.08 -29.07
CA VAL A 28 2.23 -9.25 -30.24
C VAL A 28 3.24 -9.95 -31.14
N THR A 29 3.15 -9.62 -32.41
CA THR A 29 4.26 -9.79 -33.34
C THR A 29 4.80 -8.39 -33.61
N VAL A 30 6.12 -8.23 -33.53
CA VAL A 30 6.76 -6.95 -33.79
C VAL A 30 7.29 -6.96 -35.22
N HIS A 31 6.95 -5.92 -36.00
CA HIS A 31 7.29 -5.84 -37.42
C HIS A 31 7.75 -4.44 -37.79
N LYS A 32 8.10 -4.26 -39.08
CA LYS A 32 8.58 -2.99 -39.61
C LYS A 32 7.51 -2.26 -40.42
N THR A 33 7.45 -0.94 -40.25
CA THR A 33 6.57 -0.10 -41.05
C THR A 33 7.26 0.30 -42.36
N PHE A 34 6.45 0.73 -43.33
CA PHE A 34 6.99 1.12 -44.63
C PHE A 34 8.09 2.15 -44.47
N GLU A 35 7.91 3.08 -43.53
CA GLU A 35 8.92 4.08 -43.20
C GLU A 35 10.11 3.48 -42.49
N GLY A 36 10.08 2.17 -42.22
CA GLY A 36 11.16 1.49 -41.55
C GLY A 36 11.14 1.55 -40.04
N ASN A 37 10.08 2.11 -39.45
CA ASN A 37 9.90 2.07 -38.01
C ASN A 37 9.42 0.68 -37.60
N VAL A 38 9.15 0.50 -36.31
CA VAL A 38 8.68 -0.78 -35.80
C VAL A 38 7.30 -0.58 -35.20
N ALA A 39 6.42 -1.53 -35.49
CA ALA A 39 5.08 -1.58 -34.94
C ALA A 39 4.79 -2.99 -34.43
N THR A 40 3.93 -3.09 -33.44
CA THR A 40 3.38 -4.35 -32.97
C THR A 40 2.03 -4.54 -33.64
N LYS A 41 1.71 -5.78 -33.96
CA LYS A 41 0.34 -6.20 -34.27
C LYS A 41 -0.06 -7.27 -33.26
N ALA A 42 -1.15 -7.04 -32.55
CA ALA A 42 -1.62 -7.99 -31.55
C ALA A 42 -2.26 -9.19 -32.22
N ILE A 43 -2.11 -10.35 -31.59
CA ILE A 43 -2.85 -11.55 -31.90
C ILE A 43 -3.62 -11.99 -30.64
N ASN A 44 -4.55 -12.91 -30.84
CA ASN A 44 -5.44 -13.29 -29.75
C ASN A 44 -4.62 -13.91 -28.63
N GLY A 45 -5.07 -13.67 -27.40
CA GLY A 45 -4.44 -14.22 -26.22
C GLY A 45 -5.40 -14.96 -25.33
N CYS A 46 -4.94 -15.30 -24.11
CA CYS A 46 -5.78 -16.08 -23.23
C CYS A 46 -5.27 -15.93 -21.80
N ILE A 47 -6.21 -15.98 -20.87
CA ILE A 47 -5.93 -16.15 -19.45
C ILE A 47 -5.92 -17.64 -19.14
N PHE A 48 -4.90 -18.11 -18.40
CA PHE A 48 -4.73 -19.51 -18.10
C PHE A 48 -5.04 -19.63 -16.61
N THR A 49 -6.24 -20.13 -16.28
CA THR A 49 -6.75 -20.22 -14.91
C THR A 49 -7.00 -21.69 -14.60
N LEU A 50 -6.25 -22.22 -13.67
CA LEU A 50 -6.16 -23.67 -13.52
C LEU A 50 -6.40 -24.12 -12.09
N ASN A 51 -7.29 -25.11 -11.92
CA ASN A 51 -7.45 -25.76 -10.62
C ASN A 51 -6.45 -26.91 -10.59
N PRO A 52 -5.38 -26.82 -9.78
CA PRO A 52 -4.33 -27.83 -9.82
C PRO A 52 -4.74 -29.17 -9.24
N LYS A 53 -5.82 -29.21 -8.45
CA LYS A 53 -6.27 -30.47 -7.85
C LYS A 53 -7.12 -31.27 -8.83
N THR A 54 -8.02 -30.59 -9.55
CA THR A 54 -8.98 -31.25 -10.41
C THR A 54 -8.58 -31.26 -11.87
N GLY A 55 -7.64 -30.42 -12.27
CA GLY A 55 -7.29 -30.25 -13.67
C GLY A 55 -8.21 -29.35 -14.46
N HIS A 56 -9.27 -28.81 -13.84
CA HIS A 56 -10.16 -27.93 -14.58
C HIS A 56 -9.45 -26.65 -14.99
N LEU A 57 -9.51 -26.33 -16.27
CA LEU A 57 -8.87 -25.18 -16.87
C LEU A 57 -9.97 -24.27 -17.40
N PHE A 58 -9.97 -23.02 -16.98
CA PHE A 58 -10.83 -21.95 -17.46
C PHE A 58 -10.03 -21.09 -18.42
N LEU A 59 -10.14 -21.37 -19.72
CA LEU A 59 -9.29 -20.69 -20.71
C LEU A 59 -10.12 -19.54 -21.26
N LYS A 60 -9.91 -18.36 -20.71
CA LYS A 60 -10.60 -17.16 -21.19
C LYS A 60 -9.82 -16.60 -22.37
N ILE A 61 -10.42 -16.66 -23.54
CA ILE A 61 -9.79 -16.15 -24.75
C ILE A 61 -9.92 -14.63 -24.84
N ILE A 62 -8.80 -13.97 -25.11
CA ILE A 62 -8.71 -12.52 -25.14
C ILE A 62 -8.57 -12.14 -26.61
N HIS A 63 -9.65 -11.62 -27.15
CA HIS A 63 -9.69 -11.23 -28.56
C HIS A 63 -9.02 -9.87 -28.77
N THR A 64 -8.30 -9.74 -29.90
CA THR A 64 -7.52 -8.57 -30.17
C THR A 64 -8.33 -7.27 -30.14
N SER A 65 -9.64 -7.37 -30.35
CA SER A 65 -10.51 -6.19 -30.33
C SER A 65 -10.49 -5.51 -28.98
N VAL A 66 -10.18 -6.24 -27.90
N VAL A 66 -10.17 -6.27 -27.91
CA VAL A 66 -10.18 -5.62 -26.58
CA VAL A 66 -10.08 -5.73 -26.55
C VAL A 66 -9.07 -4.58 -26.44
C VAL A 66 -9.11 -4.56 -26.50
N TRP A 67 -8.08 -4.58 -27.33
CA TRP A 67 -7.00 -3.61 -27.24
C TRP A 67 -7.25 -2.38 -28.11
N ALA A 68 -8.28 -2.40 -28.94
CA ALA A 68 -8.47 -1.31 -29.92
C ALA A 68 -8.55 0.04 -29.22
N GLY A 69 -7.66 0.96 -29.61
CA GLY A 69 -7.70 2.31 -29.09
C GLY A 69 -7.35 2.45 -27.63
N GLN A 70 -6.74 1.44 -27.04
CA GLN A 70 -6.22 1.52 -25.68
C GLN A 70 -4.74 1.84 -25.67
N LYS A 71 -4.31 2.53 -24.62
CA LYS A 71 -2.91 2.81 -24.37
C LYS A 71 -2.38 1.93 -23.25
N ARG A 72 -1.05 1.92 -23.16
CA ARG A 72 -0.30 1.16 -22.16
C ARG A 72 -0.89 -0.24 -22.00
N LEU A 73 -0.85 -1.01 -23.10
CA LEU A 73 -1.53 -2.30 -23.15
C LEU A 73 -0.97 -3.30 -22.14
N SER A 74 0.36 -3.36 -22.00
CA SER A 74 0.91 -4.34 -21.06
C SER A 74 0.41 -4.08 -19.63
N GLN A 75 0.19 -2.82 -19.29
CA GLN A 75 -0.43 -2.52 -18.00
C GLN A 75 -1.90 -2.88 -18.01
N LEU A 76 -2.60 -2.53 -19.11
CA LEU A 76 -4.01 -2.83 -19.19
C LEU A 76 -4.24 -4.33 -19.13
N ALA A 77 -3.36 -5.10 -19.77
CA ALA A 77 -3.46 -6.56 -19.77
C ALA A 77 -3.57 -7.15 -18.36
N LYS A 78 -2.83 -6.59 -17.40
CA LYS A 78 -2.90 -7.10 -16.04
C LYS A 78 -4.26 -6.80 -15.42
N TRP A 79 -4.79 -5.59 -15.66
CA TRP A 79 -6.13 -5.23 -15.16
C TRP A 79 -7.25 -5.99 -15.88
N LYS A 80 -7.14 -6.16 -17.20
CA LYS A 80 -8.10 -7.00 -17.94
C LYS A 80 -8.14 -8.45 -17.40
N THR A 81 -6.96 -9.06 -17.20
CA THR A 81 -6.86 -10.35 -16.51
C THR A 81 -7.62 -10.37 -15.20
N ALA A 82 -7.34 -9.39 -14.32
CA ALA A 82 -8.02 -9.34 -13.03
C ALA A 82 -9.53 -9.15 -13.16
N GLU A 83 -10.00 -8.31 -14.12
CA GLU A 83 -11.43 -8.16 -14.34
C GLU A 83 -12.06 -9.52 -14.71
N GLU A 84 -11.44 -10.23 -15.66
CA GLU A 84 -11.98 -11.50 -16.12
C GLU A 84 -11.95 -12.58 -15.03
N VAL A 85 -10.90 -12.62 -14.21
CA VAL A 85 -10.83 -13.61 -13.13
C VAL A 85 -11.91 -13.32 -12.10
N SER A 86 -12.14 -12.04 -11.77
N SER A 86 -12.11 -12.04 -11.76
CA SER A 86 -13.19 -11.72 -10.82
CA SER A 86 -13.18 -11.65 -10.85
C SER A 86 -14.57 -11.99 -11.42
C SER A 86 -14.56 -11.99 -11.43
N ALA A 87 -14.78 -11.71 -12.71
CA ALA A 87 -16.02 -12.13 -13.37
C ALA A 87 -16.20 -13.66 -13.32
N LEU A 88 -15.12 -14.41 -13.53
CA LEU A 88 -15.22 -15.87 -13.44
C LEU A 88 -15.65 -16.32 -12.05
N VAL A 89 -15.06 -15.72 -11.01
CA VAL A 89 -15.42 -16.17 -9.67
C VAL A 89 -16.88 -15.83 -9.41
N ARG A 90 -17.29 -14.60 -9.73
CA ARG A 90 -18.68 -14.22 -9.51
C ARG A 90 -19.66 -15.13 -10.24
N SER A 91 -19.24 -15.67 -11.39
CA SER A 91 -20.10 -16.61 -12.13
C SER A 91 -20.21 -17.99 -11.47
N LEU A 92 -19.27 -18.37 -10.60
CA LEU A 92 -19.34 -19.71 -10.04
C LEU A 92 -20.32 -19.71 -8.87
N PRO A 93 -20.97 -20.84 -8.61
CA PRO A 93 -21.71 -20.98 -7.36
C PRO A 93 -20.79 -20.81 -6.17
N LYS A 94 -21.37 -20.38 -5.05
CA LYS A 94 -20.55 -20.04 -3.89
C LYS A 94 -19.67 -21.23 -3.47
N GLU A 95 -20.24 -22.44 -3.45
CA GLU A 95 -19.47 -23.60 -3.04
C GLU A 95 -18.36 -23.98 -4.03
N GLU A 96 -18.34 -23.36 -5.22
CA GLU A 96 -17.26 -23.58 -6.16
C GLU A 96 -16.25 -22.45 -6.18
N GLN A 97 -16.49 -21.36 -5.48
CA GLN A 97 -15.53 -20.29 -5.54
C GLN A 97 -14.28 -20.65 -4.75
N PRO A 98 -13.12 -20.18 -5.21
CA PRO A 98 -11.87 -20.56 -4.57
C PRO A 98 -11.71 -19.82 -3.25
N LYS A 99 -11.00 -20.46 -2.35
N LYS A 99 -11.00 -20.46 -2.34
CA LYS A 99 -10.54 -19.78 -1.14
CA LYS A 99 -10.54 -19.77 -1.14
C LYS A 99 -9.21 -19.07 -1.32
C LYS A 99 -9.24 -19.04 -1.36
N GLN A 100 -8.43 -19.47 -2.34
CA GLN A 100 -7.19 -18.82 -2.70
C GLN A 100 -7.04 -18.70 -4.22
N ILE A 101 -6.45 -17.60 -4.65
CA ILE A 101 -5.97 -17.47 -6.03
C ILE A 101 -4.47 -17.20 -5.95
N ILE A 102 -3.69 -18.03 -6.63
CA ILE A 102 -2.24 -17.85 -6.72
C ILE A 102 -1.87 -17.33 -8.11
N VAL A 103 -1.25 -16.14 -8.16
CA VAL A 103 -0.83 -15.52 -9.42
C VAL A 103 0.59 -15.97 -9.69
N THR A 104 0.86 -16.33 -10.93
CA THR A 104 2.20 -16.78 -11.30
C THR A 104 3.18 -15.63 -11.45
N ARG A 105 2.69 -14.39 -11.61
CA ARG A 105 3.53 -13.20 -11.66
C ARG A 105 3.08 -12.18 -10.63
N LYS A 106 4.04 -11.62 -9.89
CA LYS A 106 3.68 -10.74 -8.77
C LYS A 106 3.07 -9.43 -9.20
N ALA A 107 3.23 -9.03 -10.46
CA ALA A 107 2.59 -7.81 -10.89
C ALA A 107 1.07 -7.93 -10.98
N MET A 108 0.51 -9.14 -10.88
CA MET A 108 -0.93 -9.33 -10.83
C MET A 108 -1.51 -9.16 -9.44
N LEU A 109 -0.71 -8.95 -8.40
CA LEU A 109 -1.25 -8.94 -7.05
C LEU A 109 -2.22 -7.76 -6.85
N ASP A 110 -1.75 -6.53 -7.11
CA ASP A 110 -2.62 -5.40 -6.85
C ASP A 110 -3.83 -5.34 -7.81
N PRO A 111 -3.64 -5.57 -9.09
CA PRO A 111 -4.83 -5.59 -9.97
C PRO A 111 -5.88 -6.59 -9.51
N LEU A 112 -5.47 -7.82 -9.12
CA LEU A 112 -6.44 -8.82 -8.71
C LEU A 112 -7.04 -8.46 -7.36
N GLU A 113 -6.19 -8.00 -6.44
CA GLU A 113 -6.69 -7.62 -5.13
C GLU A 113 -7.78 -6.56 -5.24
N VAL A 114 -7.56 -5.51 -6.05
CA VAL A 114 -8.54 -4.45 -6.20
C VAL A 114 -9.82 -4.96 -6.87
N HIS A 115 -9.70 -5.80 -7.92
CA HIS A 115 -10.91 -6.37 -8.49
C HIS A 115 -11.64 -7.34 -7.56
N MET A 116 -10.99 -7.90 -6.56
CA MET A 116 -11.64 -8.85 -5.68
C MET A 116 -12.00 -8.27 -4.34
N LEU A 117 -12.16 -6.94 -4.24
CA LEU A 117 -12.45 -6.35 -2.93
C LEU A 117 -13.76 -6.84 -2.36
N ASP A 118 -14.67 -7.28 -3.22
CA ASP A 118 -15.94 -7.86 -2.82
C ASP A 118 -15.77 -9.22 -2.15
N PHE A 119 -14.58 -9.81 -2.26
CA PHE A 119 -14.31 -11.18 -1.81
C PHE A 119 -13.19 -11.10 -0.78
N PRO A 120 -13.45 -10.45 0.36
CA PRO A 120 -12.40 -10.29 1.37
C PRO A 120 -11.83 -11.60 1.86
N ASN A 121 -12.59 -12.67 1.77
CA ASN A 121 -12.19 -13.97 2.32
C ASN A 121 -11.43 -14.83 1.32
N ILE A 122 -11.21 -14.36 0.08
CA ILE A 122 -10.43 -15.09 -0.92
C ILE A 122 -9.00 -14.56 -0.89
N ALA A 123 -8.04 -15.41 -0.54
CA ALA A 123 -6.68 -14.95 -0.38
C ALA A 123 -5.96 -14.93 -1.72
N ILE A 124 -5.35 -13.79 -2.04
CA ILE A 124 -4.56 -13.62 -3.26
C ILE A 124 -3.09 -13.75 -2.90
N ARG A 125 -2.41 -14.69 -3.53
CA ARG A 125 -1.07 -15.12 -3.14
C ARG A 125 -0.13 -15.06 -4.34
N PRO A 126 1.10 -14.63 -4.14
CA PRO A 126 2.15 -14.86 -5.15
C PRO A 126 2.80 -16.20 -5.00
N THR A 127 3.78 -16.49 -5.85
CA THR A 127 4.54 -17.71 -5.72
C THR A 127 5.99 -17.45 -6.06
N GLU A 128 6.87 -18.21 -5.38
N GLU A 128 6.89 -18.19 -5.39
CA GLU A 128 8.30 -18.22 -5.65
CA GLU A 128 8.29 -18.15 -5.75
C GLU A 128 8.67 -19.25 -6.72
C GLU A 128 8.64 -19.18 -6.81
N LEU A 129 7.75 -20.13 -7.09
CA LEU A 129 7.97 -21.10 -8.15
C LEU A 129 7.95 -20.45 -9.53
N ARG A 130 8.81 -20.95 -10.42
CA ARG A 130 8.94 -20.44 -11.78
C ARG A 130 8.14 -21.31 -12.76
N LEU A 131 6.83 -21.33 -12.56
CA LEU A 131 5.99 -22.32 -13.22
C LEU A 131 5.94 -22.12 -14.73
N PRO A 132 5.82 -23.20 -15.50
CA PRO A 132 5.98 -23.09 -16.95
C PRO A 132 4.69 -22.88 -17.71
N PHE A 133 3.71 -22.18 -17.13
CA PHE A 133 2.41 -22.11 -17.78
C PHE A 133 2.42 -21.25 -19.01
N SER A 134 3.47 -20.48 -19.24
CA SER A 134 3.57 -19.72 -20.48
C SER A 134 3.53 -20.65 -21.67
N ALA A 135 3.97 -21.89 -21.49
CA ALA A 135 4.02 -22.85 -22.58
C ALA A 135 2.67 -23.46 -22.92
N ALA A 136 1.58 -22.98 -22.31
CA ALA A 136 0.26 -23.53 -22.58
C ALA A 136 -0.13 -23.37 -24.05
N MET A 137 0.37 -22.31 -24.68
CA MET A 137 0.13 -22.13 -26.10
C MET A 137 1.01 -23.05 -26.95
N SER A 138 1.81 -23.92 -26.34
CA SER A 138 2.44 -25.00 -27.09
C SER A 138 1.61 -26.28 -27.14
N ILE A 139 0.48 -26.31 -26.43
CA ILE A 139 -0.50 -27.38 -26.57
C ILE A 139 -1.40 -27.05 -27.78
N ASP A 140 -1.38 -27.91 -28.79
CA ASP A 140 -1.96 -27.58 -30.09
C ASP A 140 -3.44 -27.23 -29.98
N LYS A 141 -4.22 -28.03 -29.25
CA LYS A 141 -5.65 -27.75 -29.17
C LYS A 141 -5.93 -26.40 -28.49
N LEU A 142 -5.12 -26.00 -27.49
CA LEU A 142 -5.36 -24.72 -26.86
C LEU A 142 -4.96 -23.57 -27.78
N SER A 143 -3.82 -23.70 -28.44
CA SER A 143 -3.39 -22.70 -29.39
C SER A 143 -4.42 -22.52 -30.51
N ASP A 144 -4.99 -23.63 -30.98
CA ASP A 144 -5.94 -23.58 -32.09
C ASP A 144 -7.20 -22.83 -31.72
N VAL A 145 -7.74 -23.05 -30.53
CA VAL A 145 -8.99 -22.40 -30.18
C VAL A 145 -8.76 -20.93 -29.92
N VAL A 146 -7.58 -20.55 -29.40
CA VAL A 146 -7.30 -19.14 -29.20
C VAL A 146 -7.18 -18.44 -30.56
N MET A 147 -6.43 -19.07 -31.47
N MET A 147 -6.40 -19.03 -31.48
N MET A 147 -6.41 -19.02 -31.48
CA MET A 147 -6.10 -18.48 -32.76
CA MET A 147 -6.14 -18.38 -32.76
CA MET A 147 -6.18 -18.32 -32.75
C MET A 147 -7.32 -18.36 -33.67
C MET A 147 -7.39 -18.28 -33.62
C MET A 147 -7.44 -18.25 -33.60
N LYS A 148 -8.32 -19.24 -33.50
CA LYS A 148 -9.54 -19.20 -34.32
C LYS A 148 -10.64 -18.29 -33.76
N ALA A 149 -10.53 -17.81 -32.52
CA ALA A 149 -11.63 -17.08 -31.91
C ALA A 149 -11.88 -15.78 -32.63
N THR A 150 -13.17 -15.48 -32.88
CA THR A 150 -13.61 -14.25 -33.51
C THR A 150 -14.24 -13.26 -32.54
N GLU A 151 -14.37 -13.63 -31.28
CA GLU A 151 -14.98 -12.78 -30.26
C GLU A 151 -14.49 -13.30 -28.91
N PRO A 152 -14.69 -12.53 -27.85
CA PRO A 152 -14.36 -13.06 -26.51
C PRO A 152 -15.09 -14.35 -26.23
N GLN A 153 -14.39 -15.28 -25.58
CA GLN A 153 -14.93 -16.61 -25.43
C GLN A 153 -14.23 -17.34 -24.28
N MET A 154 -15.01 -18.04 -23.46
CA MET A 154 -14.46 -18.95 -22.42
C MET A 154 -14.58 -20.38 -22.88
N VAL A 155 -13.49 -21.14 -22.78
CA VAL A 155 -13.45 -22.55 -23.16
C VAL A 155 -12.94 -23.35 -21.98
N LEU A 156 -13.65 -24.42 -21.64
CA LEU A 156 -13.37 -25.25 -20.49
C LEU A 156 -12.68 -26.52 -20.93
N PHE A 157 -11.59 -26.87 -20.25
CA PHE A 157 -10.84 -28.07 -20.51
C PHE A 157 -10.51 -28.73 -19.20
N ASN A 158 -10.15 -30.01 -19.27
CA ASN A 158 -9.42 -30.67 -18.19
C ASN A 158 -8.00 -30.92 -18.68
N ILE A 159 -7.04 -30.19 -18.11
CA ILE A 159 -5.67 -30.27 -18.61
C ILE A 159 -5.00 -31.59 -18.25
N TYR A 160 -5.64 -32.44 -17.43
CA TYR A 160 -5.10 -33.74 -17.06
C TYR A 160 -5.69 -34.88 -17.89
N ASP A 161 -6.51 -34.59 -18.89
CA ASP A 161 -7.25 -35.65 -19.62
C ASP A 161 -7.89 -36.55 -18.57
N ASP A 162 -7.72 -37.88 -18.64
CA ASP A 162 -8.31 -38.83 -17.72
C ASP A 162 -7.33 -39.31 -16.67
N TRP A 163 -6.22 -38.57 -16.45
CA TRP A 163 -5.13 -39.12 -15.66
C TRP A 163 -5.57 -39.41 -14.23
N LEU A 164 -6.49 -38.59 -13.70
CA LEU A 164 -6.88 -38.74 -12.31
C LEU A 164 -7.62 -40.04 -12.05
N ASP A 165 -8.00 -40.79 -13.10
CA ASP A 165 -8.52 -42.14 -12.90
C ASP A 165 -7.45 -43.12 -12.47
N ARG A 166 -6.18 -42.78 -12.67
CA ARG A 166 -5.09 -43.70 -12.37
C ARG A 166 -4.02 -43.15 -11.46
N ILE A 167 -3.84 -41.83 -11.38
CA ILE A 167 -2.80 -41.19 -10.59
C ILE A 167 -3.41 -40.13 -9.69
N SER A 168 -2.62 -39.71 -8.71
CA SER A 168 -3.04 -38.64 -7.80
C SER A 168 -2.90 -37.25 -8.45
N SER A 169 -3.54 -36.25 -7.83
N SER A 169 -3.50 -36.24 -7.82
CA SER A 169 -3.36 -34.88 -8.28
CA SER A 169 -3.36 -34.87 -8.30
C SER A 169 -1.90 -34.47 -8.21
C SER A 169 -1.94 -34.34 -8.13
N TYR A 170 -1.22 -34.80 -7.11
CA TYR A 170 0.18 -34.43 -7.00
C TYR A 170 0.95 -34.94 -8.19
N THR A 171 0.69 -36.21 -8.54
CA THR A 171 1.42 -36.86 -9.63
C THR A 171 1.00 -36.25 -10.96
N ALA A 172 -0.28 -35.99 -11.13
CA ALA A 172 -0.78 -35.34 -12.36
C ALA A 172 -0.18 -33.96 -12.56
N PHE A 173 -0.12 -33.14 -11.51
CA PHE A 173 0.48 -31.85 -11.64
C PHE A 173 1.96 -31.95 -11.99
N SER A 174 2.68 -32.90 -11.38
CA SER A 174 4.11 -33.06 -11.70
C SER A 174 4.32 -33.45 -13.15
N ARG A 175 3.47 -34.32 -13.67
CA ARG A 175 3.54 -34.68 -15.08
C ARG A 175 3.26 -33.46 -15.96
N LEU A 176 2.23 -32.70 -15.60
CA LEU A 176 1.88 -31.52 -16.38
C LEU A 176 3.02 -30.50 -16.41
N THR A 177 3.58 -30.17 -15.23
CA THR A 177 4.67 -29.21 -15.20
C THR A 177 5.93 -29.75 -15.89
N LEU A 178 6.17 -31.05 -15.87
CA LEU A 178 7.29 -31.57 -16.64
C LEU A 178 7.07 -31.42 -18.15
N LEU A 179 5.86 -31.72 -18.61
CA LEU A 179 5.57 -31.59 -20.03
C LEU A 179 5.70 -30.15 -20.48
N LEU A 180 5.18 -29.21 -19.71
CA LEU A 180 5.21 -27.81 -20.11
C LEU A 180 6.62 -27.24 -19.99
N ARG A 181 7.37 -27.64 -18.96
CA ARG A 181 8.75 -27.20 -18.85
C ARG A 181 9.55 -27.66 -20.07
N ALA A 182 9.28 -28.86 -20.56
CA ALA A 182 9.96 -29.35 -21.76
C ALA A 182 9.53 -28.59 -23.01
N LEU A 183 8.24 -28.35 -23.17
CA LEU A 183 7.80 -27.58 -24.31
C LEU A 183 8.36 -26.17 -24.30
N LYS A 184 8.60 -25.61 -23.10
CA LYS A 184 9.11 -24.26 -22.95
C LYS A 184 10.60 -24.15 -23.29
N THR A 185 11.40 -25.15 -22.92
N THR A 185 11.39 -25.17 -22.95
CA THR A 185 12.84 -25.03 -23.17
CA THR A 185 12.83 -25.09 -23.13
C THR A 185 13.21 -25.42 -24.59
C THR A 185 13.25 -25.50 -24.53
N ASN A 186 12.50 -26.39 -25.17
CA ASN A 186 12.76 -26.79 -26.54
C ASN A 186 11.49 -27.39 -27.15
N GLU A 187 10.59 -26.52 -27.61
CA GLU A 187 9.30 -26.95 -28.09
C GLU A 187 9.40 -28.05 -29.14
N GLU A 188 10.27 -27.88 -30.14
CA GLU A 188 10.28 -28.84 -31.24
C GLU A 188 10.61 -30.23 -30.73
N SER A 189 11.63 -30.34 -29.89
CA SER A 189 12.02 -31.66 -29.38
C SER A 189 10.92 -32.24 -28.49
N ALA A 190 10.37 -31.44 -27.58
CA ALA A 190 9.26 -31.92 -26.77
C ALA A 190 8.13 -32.47 -27.64
N LYS A 191 7.76 -31.73 -28.69
CA LYS A 191 6.68 -32.19 -29.54
C LYS A 191 7.05 -33.45 -30.31
N MET A 192 8.31 -33.59 -30.72
CA MET A 192 8.75 -34.83 -31.35
CA MET A 192 8.75 -34.83 -31.35
C MET A 192 8.56 -36.02 -30.41
N ILE A 193 8.94 -35.86 -29.14
CA ILE A 193 8.82 -36.96 -28.19
C ILE A 193 7.38 -37.43 -28.12
N LEU A 194 6.44 -36.50 -28.03
CA LEU A 194 5.04 -36.84 -27.78
C LEU A 194 4.38 -37.56 -28.95
N LEU A 195 4.95 -37.46 -30.15
CA LEU A 195 4.29 -37.94 -31.37
C LEU A 195 5.13 -38.96 -32.15
N SER A 196 6.24 -39.45 -31.59
CA SER A 196 7.16 -40.24 -32.41
C SER A 196 6.52 -41.55 -32.87
N ASP A 197 5.70 -42.19 -32.02
CA ASP A 197 5.08 -43.48 -32.31
C ASP A 197 3.68 -43.24 -32.88
N PRO A 198 3.47 -43.36 -34.19
CA PRO A 198 2.16 -42.97 -34.76
C PRO A 198 0.98 -43.75 -34.20
N THR A 199 1.21 -44.87 -33.50
CA THR A 199 0.10 -45.70 -33.03
C THR A 199 -0.58 -45.16 -31.78
N ILE A 200 0.02 -44.19 -31.08
CA ILE A 200 -0.57 -43.58 -29.89
C ILE A 200 -1.24 -42.29 -30.34
N THR A 201 -2.54 -42.17 -30.10
CA THR A 201 -3.31 -41.05 -30.62
C THR A 201 -3.76 -40.14 -29.49
N ILE A 202 -4.22 -38.94 -29.85
CA ILE A 202 -4.89 -38.05 -28.92
C ILE A 202 -6.39 -38.19 -29.12
N LYS A 203 -7.10 -38.60 -28.07
CA LYS A 203 -8.55 -38.70 -28.20
C LYS A 203 -9.12 -37.33 -28.54
N SER A 204 -10.21 -37.33 -29.31
CA SER A 204 -10.89 -36.07 -29.66
C SER A 204 -11.20 -35.21 -28.43
N TYR A 205 -11.47 -35.82 -27.29
CA TYR A 205 -11.82 -35.08 -26.07
C TYR A 205 -10.62 -34.88 -25.15
N HIS A 206 -9.41 -35.11 -25.64
CA HIS A 206 -8.21 -34.97 -24.84
C HIS A 206 -7.22 -34.01 -25.49
N LEU A 207 -6.26 -33.60 -24.68
CA LEU A 207 -5.20 -32.71 -25.13
C LEU A 207 -3.88 -33.43 -25.41
N TRP A 208 -3.63 -34.51 -24.71
CA TRP A 208 -2.39 -35.24 -24.72
C TRP A 208 -2.63 -36.67 -25.24
N PRO A 209 -1.60 -37.34 -25.70
CA PRO A 209 -1.77 -38.71 -26.21
C PRO A 209 -2.18 -39.73 -25.15
N SER A 210 -2.80 -40.81 -25.64
CA SER A 210 -3.30 -41.90 -24.80
C SER A 210 -2.18 -42.90 -24.51
N PHE A 211 -1.32 -42.56 -23.56
CA PHE A 211 -0.21 -43.41 -23.14
C PHE A 211 -0.66 -44.39 -22.06
N THR A 212 -0.22 -45.64 -22.18
CA THR A 212 -0.28 -46.55 -21.06
C THR A 212 0.61 -46.04 -19.92
N ASP A 213 0.49 -46.69 -18.77
CA ASP A 213 1.32 -46.30 -17.64
C ASP A 213 2.80 -46.46 -17.98
N GLU A 214 3.16 -47.53 -18.70
CA GLU A 214 4.57 -47.79 -19.00
C GLU A 214 5.10 -46.77 -19.99
N GLN A 215 4.26 -46.39 -20.95
CA GLN A 215 4.65 -45.40 -21.94
C GLN A 215 4.81 -44.01 -21.34
N TRP A 216 4.01 -43.67 -20.32
CA TRP A 216 4.23 -42.37 -19.65
C TRP A 216 5.58 -42.34 -18.94
N ILE A 217 6.03 -43.46 -18.39
CA ILE A 217 7.31 -43.47 -17.71
C ILE A 217 8.43 -43.20 -18.70
N THR A 218 8.37 -43.87 -19.86
CA THR A 218 9.35 -43.63 -20.92
C THR A 218 9.29 -42.19 -21.41
N ILE A 219 8.08 -41.70 -21.68
CA ILE A 219 7.90 -40.31 -22.12
C ILE A 219 8.49 -39.34 -21.09
N GLU A 220 8.10 -39.50 -19.82
CA GLU A 220 8.56 -38.60 -18.77
C GLU A 220 10.08 -38.63 -18.65
N SER A 221 10.68 -39.80 -18.84
N SER A 221 10.68 -39.81 -18.79
CA SER A 221 12.14 -39.89 -18.81
CA SER A 221 12.14 -39.90 -18.84
C SER A 221 12.75 -39.12 -19.99
C SER A 221 12.70 -39.06 -19.97
N GLN A 222 12.11 -39.19 -21.17
CA GLN A 222 12.64 -38.45 -22.31
C GLN A 222 12.55 -36.95 -22.06
N MET A 223 11.45 -36.48 -21.45
CA MET A 223 11.31 -35.06 -21.13
C MET A 223 12.36 -34.56 -20.13
N ARG A 224 12.70 -35.39 -19.13
N ARG A 224 12.75 -35.40 -19.16
CA ARG A 224 13.76 -35.02 -18.18
CA ARG A 224 13.76 -34.98 -18.18
C ARG A 224 15.09 -34.88 -18.89
C ARG A 224 15.15 -34.91 -18.81
N ASP A 225 15.49 -35.89 -19.66
CA ASP A 225 16.70 -35.80 -20.47
CA ASP A 225 16.70 -35.80 -20.48
C ASP A 225 16.75 -34.47 -21.23
N LEU A 226 15.66 -34.12 -21.92
CA LEU A 226 15.62 -32.89 -22.72
C LEU A 226 15.94 -31.69 -21.86
N ILE A 227 15.27 -31.57 -20.72
CA ILE A 227 15.40 -30.38 -19.87
C ILE A 227 16.82 -30.25 -19.35
N LEU A 228 17.44 -31.35 -18.89
CA LEU A 228 18.83 -31.31 -18.44
C LEU A 228 19.77 -30.88 -19.57
N THR A 229 19.68 -31.54 -20.72
CA THR A 229 20.54 -31.19 -21.84
C THR A 229 20.45 -29.72 -22.16
N GLU A 230 19.26 -29.26 -22.59
CA GLU A 230 19.04 -27.86 -22.95
C GLU A 230 19.66 -26.95 -21.90
N TYR A 231 19.75 -27.45 -20.67
CA TYR A 231 20.43 -26.74 -19.60
C TYR A 231 21.95 -26.91 -19.71
N GLY A 232 22.41 -28.03 -20.28
CA GLY A 232 23.78 -28.15 -20.75
C GLY A 232 24.00 -27.38 -22.03
N ARG A 233 23.27 -27.72 -23.09
CA ARG A 233 23.35 -26.98 -24.35
C ARG A 233 23.24 -25.47 -24.15
N LYS A 234 22.80 -25.02 -22.98
CA LYS A 234 22.72 -23.60 -22.69
C LYS A 234 23.96 -23.13 -21.93
N TYR A 235 24.22 -23.73 -20.76
CA TYR A 235 25.37 -23.36 -19.95
C TYR A 235 26.62 -24.20 -20.28
N ASN A 236 26.53 -25.09 -21.25
CA ASN A 236 27.65 -25.97 -21.62
C ASN A 236 28.17 -26.71 -20.39
N VAL A 237 27.60 -27.89 -20.11
CA VAL A 237 28.02 -28.76 -19.02
C VAL A 237 27.81 -30.22 -19.39
N MET B 5 -0.44 38.31 24.32
CA MET B 5 0.51 37.27 24.85
C MET B 5 -0.06 36.52 26.06
N ASN B 6 0.05 35.20 26.11
CA ASN B 6 -0.49 34.45 27.24
C ASN B 6 0.58 33.57 27.88
N THR B 7 0.17 32.98 28.99
CA THR B 7 1.10 32.37 29.93
C THR B 7 0.58 31.02 30.38
N VAL B 8 1.42 29.98 30.44
CA VAL B 8 1.04 28.64 30.98
C VAL B 8 1.92 28.41 32.21
N PRO B 9 1.55 28.78 33.43
CA PRO B 9 2.41 28.60 34.59
C PRO B 9 2.58 27.16 35.08
N PHE B 10 3.62 26.93 35.86
CA PHE B 10 3.97 25.60 36.39
C PHE B 10 3.98 25.75 37.90
N THR B 11 3.31 24.88 38.65
CA THR B 11 3.35 24.91 40.13
C THR B 11 4.84 24.76 40.40
N SER B 12 5.45 23.68 39.95
CA SER B 12 6.85 23.40 40.26
C SER B 12 7.41 22.47 39.19
N ALA B 13 8.67 22.11 39.35
CA ALA B 13 9.36 21.12 38.51
C ALA B 13 10.10 20.11 39.38
N PRO B 14 9.39 19.10 39.90
CA PRO B 14 10.05 18.17 40.84
C PRO B 14 10.96 17.15 40.21
N ILE B 15 10.84 16.82 38.93
CA ILE B 15 11.78 15.90 38.30
C ILE B 15 12.44 16.55 37.10
N GLU B 16 13.71 16.16 36.90
CA GLU B 16 14.50 16.64 35.78
C GLU B 16 13.84 16.22 34.47
N VAL B 17 13.67 17.20 33.58
CA VAL B 17 12.83 17.03 32.39
C VAL B 17 13.26 18.04 31.33
N THR B 18 13.16 17.62 30.07
CA THR B 18 13.28 18.54 28.95
C THR B 18 11.87 18.95 28.53
N ILE B 19 11.62 20.23 28.59
CA ILE B 19 10.32 20.80 28.29
C ILE B 19 10.43 21.45 26.93
N GLY B 20 9.53 21.11 26.05
CA GLY B 20 9.36 21.81 24.79
C GLY B 20 8.10 22.67 24.74
N ILE B 21 8.16 23.75 23.98
CA ILE B 21 6.99 24.56 23.67
C ILE B 21 7.10 24.81 22.19
N ASP B 22 6.17 24.26 21.42
CA ASP B 22 6.23 24.31 19.96
C ASP B 22 7.60 23.78 19.60
N GLN B 23 8.35 24.42 18.70
CA GLN B 23 9.65 23.93 18.26
C GLN B 23 10.80 24.29 19.20
N TYR B 24 10.53 24.89 20.35
CA TYR B 24 11.58 25.29 21.27
C TYR B 24 11.63 24.27 22.41
N SER B 25 12.74 24.27 23.13
CA SER B 25 12.92 23.33 24.24
C SER B 25 14.04 23.78 25.16
N PHE B 26 13.91 23.40 26.43
CA PHE B 26 14.91 23.74 27.44
C PHE B 26 14.91 22.69 28.53
N ASN B 27 16.04 22.61 29.20
CA ASN B 27 16.30 21.62 30.21
C ASN B 27 16.01 22.22 31.57
N VAL B 28 15.29 21.48 32.39
CA VAL B 28 14.95 21.90 33.75
C VAL B 28 15.50 20.86 34.72
N LYS B 29 16.24 21.32 35.72
CA LYS B 29 16.84 20.39 36.67
C LYS B 29 15.84 20.00 37.74
N GLU B 30 16.11 18.87 38.40
CA GLU B 30 15.26 18.43 39.49
C GLU B 30 15.12 19.53 40.54
N ASN B 31 13.86 19.89 40.84
CA ASN B 31 13.50 20.92 41.82
C ASN B 31 14.09 22.30 41.48
N GLN B 32 14.44 22.53 40.23
CA GLN B 32 14.81 23.87 39.80
C GLN B 32 13.58 24.78 39.91
N PRO B 33 13.78 26.06 40.27
CA PRO B 33 12.64 26.99 40.42
C PRO B 33 12.11 27.50 39.08
N PHE B 34 11.42 26.62 38.39
CA PHE B 34 10.82 26.91 37.09
C PHE B 34 9.32 27.02 37.27
N HIS B 35 8.72 28.14 36.90
CA HIS B 35 7.27 28.33 37.14
C HIS B 35 6.54 28.75 35.86
N GLY B 36 7.07 28.46 34.67
CA GLY B 36 6.21 28.44 33.53
C GLY B 36 6.77 29.19 32.34
N ILE B 37 5.89 29.38 31.38
CA ILE B 37 6.21 29.91 30.05
C ILE B 37 5.28 31.08 29.74
N LYS B 38 5.87 32.22 29.42
CA LYS B 38 5.13 33.46 29.18
C LYS B 38 5.36 33.91 27.75
N ASP B 39 4.61 34.95 27.34
CA ASP B 39 4.74 35.57 26.02
C ASP B 39 4.40 34.59 24.90
N ILE B 40 3.44 33.72 25.18
CA ILE B 40 3.03 32.74 24.19
C ILE B 40 2.16 33.43 23.17
N PRO B 41 2.48 33.35 21.87
CA PRO B 41 1.70 34.07 20.86
C PRO B 41 0.26 33.59 20.80
N ILE B 42 -0.63 34.53 20.92
CA ILE B 42 -2.06 34.29 20.80
C ILE B 42 -2.41 34.12 19.32
N GLY B 43 -3.37 33.26 19.06
CA GLY B 43 -3.89 33.10 17.71
C GLY B 43 -3.48 31.84 17.00
N HIS B 44 -2.70 30.98 17.65
CA HIS B 44 -2.20 29.74 17.10
C HIS B 44 -2.47 28.66 18.16
N VAL B 45 -2.57 27.41 17.72
N VAL B 45 -2.65 27.41 17.73
CA VAL B 45 -2.52 26.27 18.65
CA VAL B 45 -2.51 26.33 18.71
C VAL B 45 -1.07 25.97 19.00
C VAL B 45 -1.06 26.23 19.15
N HIS B 46 -0.83 25.51 20.24
CA HIS B 46 0.50 25.31 20.76
C HIS B 46 0.56 23.91 21.36
N VAL B 47 1.77 23.44 21.53
CA VAL B 47 1.96 22.14 22.16
C VAL B 47 3.08 22.30 23.18
N ILE B 48 2.85 21.77 24.37
N ILE B 48 2.80 21.90 24.41
CA ILE B 48 3.85 21.80 25.43
CA ILE B 48 3.83 21.79 25.43
C ILE B 48 4.12 20.35 25.84
C ILE B 48 4.11 20.30 25.60
N HIS B 49 5.38 19.95 25.73
CA HIS B 49 5.75 18.54 25.72
C HIS B 49 6.97 18.27 26.57
N PHE B 50 7.13 16.98 26.89
CA PHE B 50 7.94 16.62 28.03
C PHE B 50 8.71 15.37 27.70
N GLN B 51 9.97 15.33 28.08
CA GLN B 51 10.76 14.11 28.03
C GLN B 51 11.56 14.02 29.33
N HIS B 52 11.22 13.07 30.19
CA HIS B 52 11.92 12.99 31.48
C HIS B 52 13.38 12.62 31.29
N ALA B 53 14.22 13.19 32.15
CA ALA B 53 15.65 12.98 32.03
C ALA B 53 16.02 11.52 32.24
N ASP B 54 15.19 10.78 32.96
CA ASP B 54 15.53 9.44 33.39
C ASP B 54 14.92 8.35 32.52
N ASN B 55 13.83 8.66 31.82
CA ASN B 55 13.15 7.70 30.95
C ASN B 55 12.89 8.42 29.65
N SER B 56 13.89 8.43 28.77
CA SER B 56 13.67 8.98 27.45
C SER B 56 12.53 8.29 26.72
N SER B 57 12.05 7.15 27.24
CA SER B 57 10.80 6.58 26.76
C SER B 57 9.64 7.52 27.11
N MET B 58 8.60 7.47 26.28
N MET B 58 8.63 7.47 26.25
CA MET B 58 7.45 8.34 26.50
CA MET B 58 7.43 8.27 26.34
C MET B 58 7.87 9.81 26.36
C MET B 58 7.74 9.76 26.33
N ARG B 59 7.83 10.32 25.14
CA ARG B 59 7.60 11.75 24.96
C ARG B 59 6.09 11.91 25.05
N TYR B 60 5.65 12.95 25.75
CA TYR B 60 4.22 13.23 25.81
C TYR B 60 4.01 14.74 25.92
N GLY B 61 2.77 15.15 25.72
CA GLY B 61 2.50 16.59 25.70
C GLY B 61 1.03 16.91 25.53
N TYR B 62 0.76 18.22 25.46
CA TYR B 62 -0.58 18.78 25.47
C TYR B 62 -0.70 19.80 24.37
N TRP B 63 -1.69 19.62 23.50
CA TRP B 63 -2.13 20.65 22.54
C TRP B 63 -3.16 21.55 23.22
N PHE B 64 -3.04 22.86 23.02
CA PHE B 64 -3.94 23.81 23.67
C PHE B 64 -3.99 25.12 22.89
N ASP B 65 -4.96 25.96 23.28
CA ASP B 65 -5.19 27.27 22.67
C ASP B 65 -5.58 28.19 23.82
N CYS B 66 -4.69 29.12 24.15
CA CYS B 66 -4.87 30.04 25.27
C CYS B 66 -6.13 30.88 25.18
N ARG B 67 -6.76 30.97 24.01
CA ARG B 67 -8.04 31.66 23.94
C ARG B 67 -9.14 30.84 24.61
N MET B 68 -8.96 29.54 24.75
N MET B 68 -8.96 29.53 24.73
CA MET B 68 -10.01 28.67 25.27
CA MET B 68 -9.99 28.64 25.24
C MET B 68 -9.98 28.52 26.78
C MET B 68 -9.96 28.50 26.77
N GLY B 69 -9.05 29.16 27.45
CA GLY B 69 -9.01 29.09 28.90
C GLY B 69 -7.62 29.36 29.42
N ASN B 70 -7.52 29.34 30.75
CA ASN B 70 -6.27 29.47 31.46
C ASN B 70 -5.75 28.10 31.84
N PHE B 71 -4.59 27.68 31.28
CA PHE B 71 -4.02 26.34 31.45
C PHE B 71 -2.68 26.45 32.19
N TYR B 72 -2.34 25.41 32.95
CA TYR B 72 -1.08 25.37 33.72
C TYR B 72 -0.65 23.93 33.93
N ILE B 73 0.60 23.69 34.32
CA ILE B 73 1.14 22.31 34.50
C ILE B 73 1.43 22.03 35.97
N GLN B 74 1.20 20.83 36.47
CA GLN B 74 1.58 20.43 37.84
C GLN B 74 2.02 18.98 37.80
N TYR B 75 3.10 18.64 38.48
CA TYR B 75 3.65 17.28 38.44
C TYR B 75 2.79 16.39 39.34
N ASP B 76 2.25 15.32 38.82
CA ASP B 76 1.51 14.35 39.63
C ASP B 76 2.45 13.24 40.07
N PRO B 77 2.85 13.17 41.33
CA PRO B 77 3.80 12.11 41.74
C PRO B 77 3.21 10.71 41.77
N LYS B 78 1.88 10.58 41.61
CA LYS B 78 1.27 9.24 41.58
C LYS B 78 1.36 8.67 40.17
N ASP B 79 0.82 9.40 39.18
CA ASP B 79 0.90 9.01 37.78
C ASP B 79 2.25 9.33 37.15
N GLY B 80 3.07 10.15 37.79
CA GLY B 80 4.45 10.30 37.39
C GLY B 80 4.56 11.11 36.11
N LEU B 81 3.72 12.11 35.96
CA LEU B 81 3.91 12.96 34.78
C LEU B 81 3.44 14.37 35.08
N TYR B 82 3.97 15.27 34.26
CA TYR B 82 3.49 16.66 34.19
C TYR B 82 2.13 16.68 33.51
N LYS B 83 1.10 17.14 34.24
CA LYS B 83 -0.26 17.18 33.71
C LYS B 83 -0.67 18.62 33.42
N MET B 84 -1.35 18.81 32.30
CA MET B 84 -1.99 20.10 32.06
C MET B 84 -3.30 20.11 32.83
N MET B 85 -3.65 21.27 33.40
CA MET B 85 -4.96 21.48 34.02
C MET B 85 -5.50 22.86 33.67
N GLU B 86 -6.80 23.03 33.85
CA GLU B 86 -7.54 24.29 33.61
C GLU B 86 -7.93 24.87 34.98
N GLU B 87 -7.82 26.20 35.13
CA GLU B 87 -8.11 26.99 36.35
C GLU B 87 -9.39 27.80 36.10
N ARG B 88 -10.48 27.48 36.78
CA ARG B 88 -11.79 28.18 36.62
C ARG B 88 -11.65 29.64 37.06
N ASP B 89 -10.89 29.85 38.14
CA ASP B 89 -10.86 31.11 38.88
C ASP B 89 -9.90 32.06 38.18
N GLY B 90 -10.45 33.06 37.47
CA GLY B 90 -9.63 33.92 36.64
C GLY B 90 -8.73 34.86 37.42
N ALA B 91 -9.07 35.39 38.59
CA ALA B 91 -8.17 36.36 39.26
C ALA B 91 -7.20 35.64 40.19
N LYS B 92 -7.49 34.39 40.56
CA LYS B 92 -6.59 33.55 41.38
C LYS B 92 -5.39 33.17 40.51
N PHE B 93 -5.64 32.99 39.21
CA PHE B 93 -4.67 32.57 38.17
C PHE B 93 -3.85 33.74 37.69
N GLU B 94 -4.50 34.91 37.59
CA GLU B 94 -3.82 36.17 37.19
C GLU B 94 -2.95 36.55 38.39
N ASN B 95 -3.38 36.23 39.63
CA ASN B 95 -2.60 36.46 40.89
C ASN B 95 -1.33 35.61 40.77
N ILE B 96 -1.52 34.31 40.61
CA ILE B 96 -0.42 33.32 40.48
C ILE B 96 0.60 33.80 39.45
N VAL B 97 0.18 34.01 38.21
CA VAL B 97 1.04 34.42 37.07
C VAL B 97 1.73 35.76 37.35
N HIS B 98 1.00 36.76 37.84
CA HIS B 98 1.66 38.02 38.15
C HIS B 98 2.77 37.83 39.18
N ASN B 99 2.47 37.22 40.34
CA ASN B 99 3.45 36.95 41.44
C ASN B 99 4.70 36.29 40.81
N PHE B 100 4.53 35.30 39.93
CA PHE B 100 5.62 34.53 39.24
C PHE B 100 6.41 35.48 38.33
N LYS B 101 5.72 36.20 37.44
CA LYS B 101 6.31 37.14 36.47
C LYS B 101 7.09 38.21 37.25
N GLU B 102 6.72 38.52 38.47
CA GLU B 102 7.43 39.50 39.30
C GLU B 102 8.70 38.88 39.86
N ARG B 103 8.65 37.62 40.25
CA ARG B 103 9.86 36.92 40.67
C ARG B 103 10.69 36.40 39.50
N GLN B 104 10.27 36.72 38.26
CA GLN B 104 10.99 36.34 37.03
C GLN B 104 11.36 34.86 37.05
N MET B 105 10.38 34.03 37.37
CA MET B 105 10.58 32.60 37.42
C MET B 105 10.07 31.92 36.14
N MET B 106 9.83 32.67 35.06
CA MET B 106 9.26 32.10 33.86
C MET B 106 10.18 32.30 32.65
N VAL B 107 10.16 31.36 31.74
CA VAL B 107 10.91 31.52 30.49
C VAL B 107 10.00 32.24 29.51
N SER B 108 10.60 32.93 28.55
CA SER B 108 9.87 33.65 27.53
C SER B 108 9.78 32.84 26.23
N TYR B 109 8.57 32.67 25.72
CA TYR B 109 8.39 32.00 24.44
C TYR B 109 9.31 32.68 23.43
N PRO B 110 10.35 32.02 22.95
CA PRO B 110 11.48 32.76 22.34
C PRO B 110 11.33 32.94 20.84
N LYS B 111 10.27 33.63 20.43
CA LYS B 111 10.02 33.81 19.01
C LYS B 111 10.86 34.93 18.43
N ILE B 112 11.60 34.59 17.36
CA ILE B 112 12.21 35.59 16.49
C ILE B 112 11.13 36.28 15.68
N ASP B 113 11.16 37.61 15.64
CA ASP B 113 10.08 38.34 15.00
C ASP B 113 10.01 38.06 13.51
N GLU B 114 11.15 37.84 12.86
CA GLU B 114 11.20 37.46 11.44
C GLU B 114 10.62 36.07 11.19
N ASP B 115 10.50 35.25 12.22
CA ASP B 115 10.28 33.81 12.09
C ASP B 115 8.78 33.52 12.03
N ASP B 116 8.33 32.94 10.90
CA ASP B 116 6.95 32.49 10.74
C ASP B 116 6.85 30.96 10.81
N THR B 117 7.87 30.27 11.33
CA THR B 117 7.83 28.81 11.26
C THR B 117 6.56 28.26 11.90
N TRP B 118 6.24 28.68 13.13
CA TRP B 118 5.12 28.03 13.82
C TRP B 118 3.82 28.27 13.06
N TYR B 119 3.56 29.53 12.66
CA TYR B 119 2.39 29.79 11.83
C TYR B 119 2.35 28.84 10.64
N ASN B 120 3.47 28.67 9.95
CA ASN B 120 3.43 27.87 8.72
C ASN B 120 3.16 26.40 9.00
N LEU B 121 3.60 25.90 10.13
CA LEU B 121 3.38 24.50 10.46
C LEU B 121 1.99 24.24 11.00
N THR B 122 1.28 25.29 11.44
CA THR B 122 -0.01 25.13 12.12
C THR B 122 -1.11 25.93 11.44
N GLU B 123 -0.84 26.40 10.22
CA GLU B 123 -1.73 27.30 9.48
C GLU B 123 -3.19 26.83 9.51
N PHE B 124 -3.44 25.54 9.25
CA PHE B 124 -4.78 24.99 9.15
C PHE B 124 -5.19 24.16 10.35
N VAL B 125 -4.34 24.11 11.39
CA VAL B 125 -4.62 23.30 12.56
C VAL B 125 -5.50 24.11 13.50
N GLN B 126 -6.62 23.54 13.93
N GLN B 126 -6.67 23.58 13.84
CA GLN B 126 -7.59 24.20 14.77
CA GLN B 126 -7.60 24.17 14.77
C GLN B 126 -7.98 23.29 15.93
C GLN B 126 -7.81 23.25 15.96
N MET B 127 -8.01 23.85 17.15
CA MET B 127 -8.27 23.04 18.33
C MET B 127 -9.53 22.20 18.18
N ASP B 128 -10.58 22.73 17.54
CA ASP B 128 -11.81 21.96 17.47
C ASP B 128 -11.57 20.64 16.75
N LYS B 129 -10.75 20.65 15.69
CA LYS B 129 -10.46 19.43 14.94
C LYS B 129 -9.55 18.50 15.71
N ILE B 130 -8.54 19.06 16.37
CA ILE B 130 -7.70 18.26 17.27
C ILE B 130 -8.54 17.51 18.28
N ARG B 131 -9.54 18.18 18.88
CA ARG B 131 -10.31 17.57 19.95
C ARG B 131 -11.18 16.43 19.43
N LYS B 132 -11.44 16.39 18.11
CA LYS B 132 -12.17 15.29 17.49
C LYS B 132 -11.25 14.11 17.19
N ILE B 133 -10.00 14.39 16.84
CA ILE B 133 -9.02 13.33 16.64
C ILE B 133 -8.60 12.73 17.98
N VAL B 134 -8.39 13.56 19.02
CA VAL B 134 -8.02 13.11 20.35
C VAL B 134 -9.22 13.30 21.26
N ARG B 135 -9.95 12.23 21.55
CA ARG B 135 -11.27 12.35 22.15
C ARG B 135 -11.16 12.36 23.67
N LYS B 136 -11.51 13.51 24.27
CA LYS B 136 -11.55 13.64 25.72
C LYS B 136 -12.27 14.93 26.08
N ASP B 137 -13.60 14.91 26.00
CA ASP B 137 -14.35 16.16 25.95
C ASP B 137 -14.37 16.92 27.27
N GLU B 138 -13.99 16.29 28.38
CA GLU B 138 -13.95 16.99 29.66
C GLU B 138 -12.80 17.98 29.79
N ASN B 139 -11.92 18.05 28.80
CA ASN B 139 -10.79 18.96 28.83
C ASN B 139 -10.75 19.74 27.52
N GLN B 140 -10.34 21.01 27.63
CA GLN B 140 -10.16 21.90 26.49
C GLN B 140 -8.84 21.68 25.76
N PHE B 141 -7.93 20.90 26.34
CA PHE B 141 -6.62 20.62 25.78
C PHE B 141 -6.53 19.10 25.51
N SER B 142 -5.53 18.69 24.71
CA SER B 142 -5.44 17.32 24.20
C SER B 142 -4.09 16.67 24.46
N TYR B 143 -4.12 15.51 25.12
CA TYR B 143 -2.91 14.74 25.43
C TYR B 143 -2.55 13.81 24.31
N VAL B 144 -1.27 13.78 23.96
CA VAL B 144 -0.75 12.86 22.97
C VAL B 144 0.59 12.34 23.48
N ASP B 145 0.90 11.07 23.16
CA ASP B 145 2.23 10.55 23.47
C ASP B 145 2.74 9.59 22.39
N SER B 146 4.01 9.19 22.58
CA SER B 146 4.71 8.36 21.61
C SER B 146 3.96 7.07 21.29
N SER B 147 3.33 6.46 22.31
CA SER B 147 2.81 5.11 22.18
C SER B 147 1.38 5.02 21.65
N MET B 148 0.61 6.12 21.61
CA MET B 148 -0.79 6.03 21.19
C MET B 148 -0.91 5.51 19.76
N THR B 149 -1.91 4.68 19.54
CA THR B 149 -2.12 4.08 18.24
C THR B 149 -3.35 4.69 17.61
N THR B 150 -3.44 4.57 16.30
CA THR B 150 -4.55 5.17 15.57
C THR B 150 -5.72 4.18 15.43
N VAL B 151 -6.90 4.76 15.13
CA VAL B 151 -8.07 3.94 14.80
C VAL B 151 -7.70 2.86 13.79
N GLN B 152 -7.09 3.27 12.67
CA GLN B 152 -6.75 2.32 11.61
C GLN B 152 -5.74 1.29 12.08
N GLU B 153 -4.78 1.70 12.92
CA GLU B 153 -3.86 0.74 13.52
C GLU B 153 -4.62 -0.29 14.37
N ASN B 154 -5.63 0.16 15.13
CA ASN B 154 -6.39 -0.75 15.97
C ASN B 154 -7.13 -1.79 15.13
N GLU B 155 -7.55 -1.41 13.91
CA GLU B 155 -8.33 -2.30 13.06
C GLU B 155 -7.51 -3.51 12.59
N LEU B 156 -6.22 -3.32 12.34
CA LEU B 156 -5.37 -4.37 11.76
C LEU B 156 -4.58 -5.11 12.83
N SER B 161 -5.28 -1.17 21.35
CA SER B 161 -6.60 -1.80 21.31
C SER B 161 -7.57 -1.07 22.22
N ASP B 162 -7.09 -0.05 22.97
CA ASP B 162 -7.92 0.71 23.90
C ASP B 162 -8.48 1.98 23.24
N PRO B 163 -9.76 1.97 22.83
CA PRO B 163 -10.24 3.09 22.00
C PRO B 163 -10.24 4.44 22.70
N ALA B 164 -10.32 4.48 24.03
CA ALA B 164 -10.34 5.75 24.73
C ALA B 164 -9.07 6.54 24.51
N HIS B 165 -7.97 5.84 24.22
CA HIS B 165 -6.64 6.43 24.09
C HIS B 165 -6.12 6.35 22.66
N SER B 166 -7.03 6.40 21.68
CA SER B 166 -6.73 6.32 20.27
C SER B 166 -6.60 7.71 19.64
N LEU B 167 -5.87 7.76 18.53
CA LEU B 167 -5.87 8.90 17.61
C LEU B 167 -6.83 8.63 16.45
N ASN B 168 -7.98 9.30 16.44
N ASN B 168 -7.96 9.34 16.45
CA ASN B 168 -9.05 9.02 15.49
CA ASN B 168 -9.06 9.12 15.51
C ASN B 168 -8.88 9.83 14.21
C ASN B 168 -8.86 9.90 14.21
N TYR B 169 -7.76 9.58 13.54
CA TYR B 169 -7.49 10.16 12.24
C TYR B 169 -8.43 9.56 11.21
N THR B 170 -8.63 10.29 10.11
CA THR B 170 -9.49 9.80 9.04
C THR B 170 -8.84 8.60 8.36
N VAL B 171 -9.57 7.52 8.19
CA VAL B 171 -8.95 6.33 7.63
C VAL B 171 -8.87 6.47 6.13
N ILE B 172 -7.66 6.30 5.61
CA ILE B 172 -7.34 6.31 4.19
C ILE B 172 -6.80 4.92 3.85
N ASN B 173 -7.32 4.31 2.80
CA ASN B 173 -6.81 2.97 2.47
C ASN B 173 -7.03 2.81 0.97
N PHE B 174 -5.93 2.71 0.22
CA PHE B 174 -6.01 2.77 -1.23
C PHE B 174 -6.57 1.52 -1.86
N LYS B 175 -6.56 0.42 -1.14
CA LYS B 175 -7.17 -0.82 -1.67
C LYS B 175 -8.41 -1.13 -0.82
N SER B 176 -9.39 -0.23 -0.91
CA SER B 176 -10.62 -0.30 -0.12
C SER B 176 -11.80 0.04 -1.02
N ARG B 177 -12.98 -0.42 -0.63
CA ARG B 177 -14.15 -0.06 -1.42
C ARG B 177 -14.41 1.45 -1.38
N GLU B 178 -14.13 2.14 -0.26
CA GLU B 178 -14.36 3.59 -0.26
C GLU B 178 -13.54 4.28 -1.35
N ALA B 179 -12.41 3.69 -1.71
CA ALA B 179 -11.42 4.27 -2.61
C ALA B 179 -11.61 3.91 -4.07
N ILE B 180 -12.29 2.81 -4.36
CA ILE B 180 -12.33 2.22 -5.69
C ILE B 180 -13.78 2.09 -6.09
N ARG B 181 -14.18 2.83 -7.14
CA ARG B 181 -15.55 2.72 -7.66
C ARG B 181 -15.73 1.40 -8.40
N PRO B 182 -16.74 0.62 -8.06
CA PRO B 182 -17.03 -0.59 -8.85
C PRO B 182 -17.11 -0.22 -10.34
N GLY B 183 -16.37 -0.95 -11.16
CA GLY B 183 -16.28 -0.66 -12.58
C GLY B 183 -15.17 0.29 -12.99
N HIS B 184 -14.60 1.04 -12.05
CA HIS B 184 -13.48 1.92 -12.34
C HIS B 184 -12.20 1.45 -11.65
N GLU B 185 -12.11 0.16 -11.35
CA GLU B 185 -11.02 -0.39 -10.54
C GLU B 185 -9.65 0.14 -10.97
N MET B 186 -9.26 -0.14 -12.22
CA MET B 186 -7.98 0.34 -12.71
C MET B 186 -7.93 1.86 -12.70
N GLU B 187 -9.03 2.48 -13.16
CA GLU B 187 -9.00 3.95 -13.26
C GLU B 187 -8.75 4.58 -11.90
N ASP B 188 -9.52 4.16 -10.90
CA ASP B 188 -9.41 4.77 -9.56
C ASP B 188 -8.13 4.37 -8.81
N PHE B 189 -7.57 3.20 -9.07
CA PHE B 189 -6.38 2.81 -8.33
C PHE B 189 -5.15 3.51 -8.90
N LEU B 190 -5.17 3.84 -10.18
CA LEU B 190 -4.02 4.49 -10.77
C LEU B 190 -4.13 6.01 -10.74
N ASP B 191 -5.36 6.55 -10.58
CA ASP B 191 -5.63 7.99 -10.50
C ASP B 191 -6.63 8.17 -9.36
N LYS B 192 -6.14 8.63 -8.21
CA LYS B 192 -6.98 8.67 -7.03
C LYS B 192 -7.86 9.92 -6.92
N SER B 193 -8.07 10.67 -8.02
CA SER B 193 -8.77 11.96 -7.91
C SER B 193 -10.18 11.78 -7.34
N TYR B 194 -10.87 10.69 -7.71
N TYR B 194 -10.87 10.71 -7.77
N TYR B 194 -10.88 10.71 -7.74
CA TYR B 194 -12.25 10.55 -7.22
CA TYR B 194 -12.20 10.39 -7.25
CA TYR B 194 -12.23 10.50 -7.22
C TYR B 194 -12.24 10.36 -5.70
C TYR B 194 -12.19 10.40 -5.74
C TYR B 194 -12.20 10.40 -5.70
N TYR B 195 -11.31 9.57 -5.17
CA TYR B 195 -11.19 9.40 -3.72
C TYR B 195 -10.79 10.70 -3.05
N LEU B 196 -9.80 11.41 -3.60
CA LEU B 196 -9.39 12.71 -3.04
C LEU B 196 -10.55 13.69 -3.03
N ASN B 197 -11.08 14.00 -4.22
CA ASN B 197 -11.92 15.18 -4.38
C ASN B 197 -13.36 14.91 -3.96
N THR B 198 -13.92 13.77 -4.35
CA THR B 198 -15.31 13.45 -4.04
C THR B 198 -15.46 12.80 -2.67
N VAL B 199 -14.71 11.73 -2.41
CA VAL B 199 -14.86 11.01 -1.17
C VAL B 199 -14.34 11.83 0.00
N MET B 200 -13.12 12.34 -0.12
CA MET B 200 -12.44 12.89 1.05
C MET B 200 -12.70 14.40 1.18
N LEU B 201 -12.39 15.15 0.13
CA LEU B 201 -12.52 16.62 0.21
C LEU B 201 -13.99 17.03 0.30
N GLN B 202 -14.81 16.59 -0.64
N GLN B 202 -14.81 16.58 -0.65
CA GLN B 202 -16.23 16.96 -0.62
CA GLN B 202 -16.23 16.95 -0.65
C GLN B 202 -16.99 16.22 0.47
C GLN B 202 -17.01 16.22 0.44
N GLY B 203 -16.77 14.91 0.59
CA GLY B 203 -17.53 14.11 1.53
C GLY B 203 -17.12 14.18 2.99
N ILE B 204 -15.86 13.94 3.31
CA ILE B 204 -15.42 13.72 4.68
C ILE B 204 -14.90 15.02 5.30
N PHE B 205 -13.96 15.66 4.62
CA PHE B 205 -13.31 16.85 5.17
C PHE B 205 -14.06 18.15 4.85
N LYS B 206 -14.91 18.13 3.81
CA LYS B 206 -15.71 19.28 3.41
C LYS B 206 -14.89 20.30 2.63
N ASN B 207 -13.67 20.62 3.10
CA ASN B 207 -12.81 21.57 2.37
C ASN B 207 -11.35 21.18 2.58
N SER B 208 -10.48 21.77 1.75
CA SER B 208 -9.05 21.46 1.82
C SER B 208 -8.40 21.97 3.09
N SER B 209 -8.96 23.02 3.70
CA SER B 209 -8.39 23.52 4.96
C SER B 209 -8.43 22.46 6.08
N ASN B 210 -9.56 21.76 6.25
CA ASN B 210 -9.63 20.70 7.24
C ASN B 210 -8.75 19.50 6.88
N TYR B 211 -8.63 19.20 5.59
CA TYR B 211 -7.66 18.19 5.14
C TYR B 211 -6.24 18.62 5.50
N PHE B 212 -5.87 19.85 5.16
CA PHE B 212 -4.52 20.29 5.48
C PHE B 212 -4.29 20.31 6.97
N GLY B 213 -5.33 20.59 7.76
CA GLY B 213 -5.13 20.68 9.19
C GLY B 213 -4.80 19.33 9.79
N GLU B 214 -5.48 18.28 9.31
CA GLU B 214 -5.19 16.95 9.83
C GLU B 214 -3.81 16.49 9.37
N LEU B 215 -3.46 16.76 8.10
CA LEU B 215 -2.11 16.50 7.62
C LEU B 215 -1.05 17.16 8.52
N GLN B 216 -1.24 18.44 8.86
CA GLN B 216 -0.25 19.16 9.64
C GLN B 216 -0.16 18.61 11.06
N PHE B 217 -1.29 18.28 11.65
CA PHE B 217 -1.33 17.73 13.00
C PHE B 217 -0.68 16.35 13.07
N ALA B 218 -0.96 15.50 12.08
CA ALA B 218 -0.27 14.23 12.05
C ALA B 218 1.25 14.41 11.95
N PHE B 219 1.72 15.31 11.09
CA PHE B 219 3.17 15.55 11.02
C PHE B 219 3.72 15.98 12.37
N LEU B 220 3.04 16.92 13.02
CA LEU B 220 3.59 17.44 14.26
C LEU B 220 3.61 16.37 15.34
N ASN B 221 2.61 15.49 15.37
CA ASN B 221 2.66 14.40 16.36
CA ASN B 221 2.63 14.38 16.33
C ASN B 221 3.76 13.41 16.04
N ALA B 222 4.04 13.17 14.75
CA ALA B 222 5.18 12.34 14.39
C ALA B 222 6.49 12.98 14.84
N MET B 223 6.63 14.28 14.61
CA MET B 223 7.90 14.94 14.92
C MET B 223 8.12 15.10 16.42
N PHE B 224 7.10 15.56 17.13
CA PHE B 224 7.36 15.85 18.54
C PHE B 224 7.33 14.63 19.43
N PHE B 225 6.54 13.60 19.09
CA PHE B 225 6.39 12.44 19.95
C PHE B 225 6.90 11.17 19.28
N GLY B 226 7.42 11.24 18.06
CA GLY B 226 7.78 10.00 17.37
C GLY B 226 6.63 9.03 17.29
N ASN B 227 5.42 9.54 17.09
CA ASN B 227 4.23 8.72 16.99
C ASN B 227 4.17 8.08 15.60
N TYR B 228 4.32 6.75 15.56
CA TYR B 228 4.43 6.02 14.29
C TYR B 228 3.13 6.06 13.50
N GLY B 229 1.98 5.90 14.15
CA GLY B 229 0.73 5.97 13.41
C GLY B 229 0.45 7.32 12.82
N SER B 230 0.94 8.37 13.51
CA SER B 230 0.79 9.71 12.93
C SER B 230 1.66 9.87 11.69
N SER B 231 2.88 9.33 11.73
CA SER B 231 3.75 9.41 10.56
C SER B 231 3.11 8.69 9.40
N LEU B 232 2.55 7.51 9.65
CA LEU B 232 1.80 6.80 8.62
C LEU B 232 0.67 7.66 8.02
N GLN B 233 -0.05 8.38 8.89
CA GLN B 233 -1.18 9.18 8.43
C GLN B 233 -0.70 10.36 7.60
N TRP B 234 0.37 11.04 8.03
CA TRP B 234 0.92 12.17 7.27
C TRP B 234 1.32 11.72 5.87
N HIS B 235 2.04 10.60 5.78
CA HIS B 235 2.47 10.11 4.47
C HIS B 235 1.29 9.70 3.61
N ALA B 236 0.27 9.07 4.21
CA ALA B 236 -0.89 8.66 3.44
C ALA B 236 -1.57 9.85 2.80
N MET B 237 -1.70 10.95 3.56
CA MET B 237 -2.45 12.13 3.10
C MET B 237 -1.68 12.87 2.02
N ILE B 238 -0.35 12.85 2.10
CA ILE B 238 0.47 13.34 1.00
C ILE B 238 0.25 12.47 -0.23
N GLU B 239 0.36 11.16 -0.06
CA GLU B 239 0.33 10.26 -1.21
C GLU B 239 -1.01 10.35 -1.90
N LEU B 240 -2.10 10.56 -1.15
CA LEU B 240 -3.40 10.67 -1.82
C LEU B 240 -3.44 11.87 -2.76
N ILE B 241 -2.85 13.01 -2.35
CA ILE B 241 -2.80 14.16 -3.24
C ILE B 241 -1.86 13.92 -4.41
N CYS B 242 -0.65 13.41 -4.16
CA CYS B 242 0.31 13.33 -5.26
C CYS B 242 -0.14 12.31 -6.30
N SER B 243 -0.88 11.29 -5.89
CA SER B 243 -1.37 10.25 -6.79
C SER B 243 -2.70 10.58 -7.45
N SER B 244 -3.18 11.80 -7.30
CA SER B 244 -4.37 12.27 -7.99
C SER B 244 -3.93 13.15 -9.16
N ALA B 245 -4.39 12.81 -10.38
CA ALA B 245 -4.08 13.62 -11.56
C ALA B 245 -4.79 14.96 -11.53
N THR B 246 -5.90 15.07 -10.80
CA THR B 246 -6.72 16.29 -10.78
C THR B 246 -6.80 16.81 -9.35
N VAL B 247 -6.06 17.87 -9.09
CA VAL B 247 -6.05 18.53 -7.78
C VAL B 247 -6.24 20.02 -8.02
N PRO B 248 -7.18 20.66 -7.32
CA PRO B 248 -7.27 22.13 -7.37
C PRO B 248 -5.92 22.82 -7.31
N LYS B 249 -5.74 23.82 -8.18
CA LYS B 249 -4.44 24.48 -8.30
C LYS B 249 -4.01 25.12 -7.00
N HIS B 250 -4.98 25.58 -6.19
CA HIS B 250 -4.62 26.26 -4.96
C HIS B 250 -4.15 25.26 -3.93
N MET B 251 -4.70 24.04 -3.98
CA MET B 251 -4.24 23.02 -3.05
C MET B 251 -2.79 22.65 -3.31
N LEU B 252 -2.39 22.55 -4.58
CA LEU B 252 -1.05 22.10 -4.93
C LEU B 252 -0.01 23.12 -4.54
N ASP B 253 -0.29 24.38 -4.81
CA ASP B 253 0.63 25.43 -4.37
C ASP B 253 0.74 25.45 -2.85
N LYS B 254 -0.40 25.29 -2.15
CA LYS B 254 -0.32 25.35 -0.70
C LYS B 254 0.38 24.11 -0.14
N LEU B 255 0.09 22.92 -0.71
CA LEU B 255 0.80 21.73 -0.26
C LEU B 255 2.30 21.92 -0.34
N ASP B 256 2.79 22.51 -1.44
CA ASP B 256 4.23 22.73 -1.56
C ASP B 256 4.78 23.54 -0.38
N GLU B 257 4.05 24.60 0.01
CA GLU B 257 4.50 25.41 1.14
C GLU B 257 4.45 24.61 2.44
N ILE B 258 3.38 23.86 2.64
CA ILE B 258 3.21 23.08 3.86
C ILE B 258 4.38 22.10 4.02
N LEU B 259 4.58 21.25 3.02
CA LEU B 259 5.63 20.25 3.11
C LEU B 259 6.99 20.88 3.28
N TYR B 260 7.23 21.99 2.59
CA TYR B 260 8.50 22.72 2.69
C TYR B 260 8.87 23.02 4.13
N TYR B 261 7.94 23.61 4.88
CA TYR B 261 8.23 23.96 6.27
C TYR B 261 8.31 22.74 7.19
N GLN B 262 7.65 21.62 6.81
CA GLN B 262 7.78 20.42 7.62
C GLN B 262 9.15 19.81 7.44
N ILE B 263 9.61 19.71 6.19
CA ILE B 263 10.94 19.16 5.97
C ILE B 263 11.97 20.12 6.53
N LYS B 264 11.73 21.43 6.42
CA LYS B 264 12.71 22.37 6.95
C LYS B 264 12.90 22.19 8.46
N THR B 265 11.83 21.87 9.18
CA THR B 265 11.84 21.86 10.63
C THR B 265 12.24 20.51 11.23
N LEU B 266 12.19 19.46 10.43
CA LEU B 266 12.53 18.12 10.89
C LEU B 266 13.97 18.03 11.36
N PRO B 267 14.24 17.36 12.48
CA PRO B 267 15.64 17.13 12.88
C PRO B 267 16.38 16.38 11.78
N GLU B 268 17.56 16.88 11.43
CA GLU B 268 18.38 16.24 10.40
C GLU B 268 18.68 14.78 10.73
N GLN B 269 18.66 14.42 12.00
CA GLN B 269 19.06 13.09 12.44
C GLN B 269 17.87 12.16 12.63
N TYR B 270 16.66 12.61 12.34
CA TYR B 270 15.46 11.78 12.46
C TYR B 270 14.91 11.38 11.10
N SER B 271 15.58 11.77 10.00
CA SER B 271 15.05 11.53 8.66
C SER B 271 15.03 10.06 8.29
N ASP B 272 15.74 9.20 9.03
CA ASP B 272 15.77 7.79 8.71
C ASP B 272 14.44 7.10 9.03
N ILE B 273 13.74 7.53 10.08
CA ILE B 273 12.55 6.84 10.55
C ILE B 273 11.27 7.61 10.21
N LEU B 274 11.31 8.95 10.26
CA LEU B 274 10.13 9.76 10.04
C LEU B 274 9.82 10.02 8.56
N LEU B 275 10.69 9.64 7.64
CA LEU B 275 10.47 9.91 6.22
C LEU B 275 10.38 8.56 5.53
N ASN B 276 9.37 8.40 4.68
CA ASN B 276 9.15 7.13 3.98
C ASN B 276 9.68 7.26 2.56
N GLU B 277 10.72 6.49 2.26
CA GLU B 277 11.38 6.53 0.95
C GLU B 277 10.37 6.42 -0.17
N ARG B 278 9.59 5.35 -0.15
CA ARG B 278 8.70 5.06 -1.26
C ARG B 278 7.76 6.22 -1.53
N VAL B 279 7.15 6.75 -0.48
CA VAL B 279 6.19 7.83 -0.66
C VAL B 279 6.86 9.07 -1.25
N TRP B 280 8.03 9.43 -0.74
CA TRP B 280 8.65 10.69 -1.18
C TRP B 280 9.17 10.57 -2.61
N ASN B 281 9.77 9.42 -2.95
CA ASN B 281 10.27 9.21 -4.31
C ASN B 281 9.16 9.14 -5.34
N ILE B 282 8.03 8.51 -4.99
CA ILE B 282 6.88 8.53 -5.89
C ILE B 282 6.32 9.94 -6.01
N CYS B 283 6.26 10.68 -4.91
CA CYS B 283 5.60 11.99 -4.94
C CYS B 283 6.44 13.01 -5.71
N LEU B 284 7.75 13.01 -5.51
CA LEU B 284 8.59 14.02 -6.14
C LEU B 284 9.00 13.68 -7.55
N TYR B 285 8.95 12.40 -7.96
CA TYR B 285 9.58 12.00 -9.21
C TYR B 285 8.74 11.13 -10.12
N SER B 286 7.71 10.44 -9.62
CA SER B 286 6.89 9.55 -10.45
C SER B 286 5.44 9.98 -10.57
N SER B 287 4.87 10.62 -9.57
CA SER B 287 3.44 10.86 -9.56
C SER B 287 3.06 11.97 -10.52
N PHE B 288 1.74 12.12 -10.68
CA PHE B 288 1.16 13.19 -11.46
C PHE B 288 1.74 14.54 -11.09
N GLN B 289 2.04 14.72 -9.81
CA GLN B 289 2.43 16.02 -9.27
C GLN B 289 3.95 16.13 -9.11
N LYS B 290 4.71 15.26 -9.79
CA LYS B 290 6.17 15.29 -9.75
C LYS B 290 6.74 16.68 -10.05
N ASN B 291 5.96 17.55 -10.68
CA ASN B 291 6.43 18.86 -11.12
C ASN B 291 5.75 20.01 -10.39
N SER B 292 4.88 19.72 -9.43
CA SER B 292 4.09 20.75 -8.75
C SER B 292 4.57 21.01 -7.32
N LEU B 293 5.75 20.51 -6.95
CA LEU B 293 6.28 20.69 -5.58
C LEU B 293 7.74 21.16 -5.66
N HIS B 294 7.90 22.33 -6.24
CA HIS B 294 9.25 22.85 -6.50
C HIS B 294 9.98 23.17 -5.20
N ASN B 295 9.30 23.88 -4.28
CA ASN B 295 9.98 24.23 -3.03
C ASN B 295 10.29 22.99 -2.21
N THR B 296 9.35 22.04 -2.13
CA THR B 296 9.56 20.84 -1.34
C THR B 296 10.63 19.97 -1.96
N GLU B 297 10.62 19.82 -3.29
CA GLU B 297 11.64 19.03 -3.96
C GLU B 297 13.02 19.67 -3.81
N LYS B 298 13.11 20.98 -3.97
CA LYS B 298 14.40 21.65 -3.78
C LYS B 298 14.97 21.41 -2.40
N ILE B 299 14.16 21.58 -1.35
CA ILE B 299 14.75 21.41 -0.02
C ILE B 299 15.00 19.93 0.28
N MET B 300 14.20 19.02 -0.27
CA MET B 300 14.46 17.60 -0.02
C MET B 300 15.77 17.16 -0.67
N GLU B 301 16.04 17.65 -1.89
CA GLU B 301 17.26 17.29 -2.59
C GLU B 301 18.52 17.86 -1.91
N ASN B 302 18.48 19.12 -1.44
CA ASN B 302 19.66 19.71 -0.79
C ASN B 302 19.91 19.22 0.62
N LYS B 303 18.90 18.62 1.27
CA LYS B 303 18.99 18.24 2.66
C LYS B 303 18.85 16.75 2.93
N TYR B 304 18.25 15.99 2.02
CA TYR B 304 18.12 14.54 2.19
C TYR B 304 18.30 13.79 0.88
N PRO B 305 19.36 14.06 0.11
CA PRO B 305 19.55 13.35 -1.16
C PRO B 305 19.93 11.88 -0.99
N GLU B 306 20.26 11.44 0.23
CA GLU B 306 20.51 10.01 0.44
C GLU B 306 19.22 9.22 0.30
N LEU B 307 18.19 9.65 1.03
CA LEU B 307 16.85 9.08 0.95
C LEU B 307 16.45 8.86 -0.51
N LEU B 308 16.73 9.83 -1.36
CA LEU B 308 16.33 9.76 -2.75
C LEU B 308 17.35 9.00 -3.62
C7 VEL C . 0.32 26.94 38.70
O1 VEL C . -0.57 27.93 39.06
C1 VEL C . -1.33 26.64 40.83
C5 VEL C . -3.66 26.18 41.14
C6 VEL C . -4.71 25.34 41.81
C4 VEL C . -3.98 27.05 40.07
C3 VEL C . -2.95 27.69 39.37
C2 VEL C . -1.64 27.46 39.74
F1 VEL C . 0.49 27.18 37.44
F VEL C . 1.49 27.29 39.19
C VEL C . -2.34 26.01 41.51
O VEL C . -4.33 25.09 43.13
#